data_4LMN
#
_entry.id   4LMN
#
_cell.length_a   81.610
_cell.length_b   81.610
_cell.length_c   129.809
_cell.angle_alpha   90.00
_cell.angle_beta   90.00
_cell.angle_gamma   120.00
#
_symmetry.space_group_name_H-M   'P 62'
#
loop_
_entity.id
_entity.type
_entity.pdbx_description
1 polymer 'Dual specificity mitogen-activated protein kinase kinase 1'
2 non-polymer 'PHOSPHOAMINOPHOSPHONIC ACID-ADENYLATE ESTER'
3 non-polymer 'MAGNESIUM ION'
4 non-polymer [3,4-BIS(FLUORANYL)-2-[(2-FLUORANYL-4-IODANYL-PHENYL)AMINO]PHENYL]-[3-OXIDANYL-3-[(2S)-PIPERIDIN-2-YL]AZETIDIN-1-YL]METHANONE
#
_entity_poly.entity_id   1
_entity_poly.type   'polypeptide(L)'
_entity_poly.pdbx_seq_one_letter_code
;MELKDDDFEKISELGAGNGGVVFKVSHKPSGLVMARKLIHLEIKPAIRNQIIRELQVLHECNSPYIVGFYGAFYSDGEIS
ICMEHMDGGSLDQVLKKAGRIPEQILGKVSIAVIKGLTYLREKHKIMHRDVKPSNILVNSRGEIKLCDFGVSGQLIDSMA
NSFVGTRSYMSPERLQGTHYSVQSDIWSMGLSLVEMAVGRYPIPPPDAKELELMFGCQVEGDAAETPPRPRTPGRPLSSY
GMDSRPPMAIFELLDYIVNEPPPKLPSGVFSLEFQDFVNKCLIKNPAERADLKQLMVHAFIKRSDAEEVDFAGWLCSTIG
LNQPSTPTHAAGVLEHHHHHH
;
_entity_poly.pdbx_strand_id   A
#
loop_
_chem_comp.id
_chem_comp.type
_chem_comp.name
_chem_comp.formula
ANP non-polymer 'PHOSPHOAMINOPHOSPHONIC ACID-ADENYLATE ESTER' 'C10 H17 N6 O12 P3'
EUI non-polymer [3,4-BIS(FLUORANYL)-2-[(2-FLUORANYL-4-IODANYL-PHENYL)AMINO]PHENYL]-[3-OXIDANYL-3-[(2S)-PIPERIDIN-2-YL]AZETIDIN-1-YL]METHANONE 'C21 H21 F3 I N3 O2'
MG non-polymer 'MAGNESIUM ION' 'Mg 2'
#
# COMPACT_ATOMS: atom_id res chain seq x y z
N MET A 1 -3.18 26.99 -6.71
CA MET A 1 -2.28 27.77 -5.88
C MET A 1 -0.97 27.02 -5.66
N GLU A 2 0.14 27.75 -5.58
CA GLU A 2 1.46 27.15 -5.37
C GLU A 2 1.73 27.08 -3.86
N LEU A 3 2.23 25.92 -3.44
CA LEU A 3 2.56 25.58 -2.07
C LEU A 3 4.05 25.90 -1.80
N LYS A 4 4.29 26.50 -0.63
CA LYS A 4 5.61 26.91 -0.11
C LYS A 4 5.69 26.61 1.40
N ASP A 5 6.90 26.18 1.88
CA ASP A 5 7.16 25.80 3.29
C ASP A 5 6.55 26.72 4.36
N ASP A 6 6.72 28.05 4.25
CA ASP A 6 6.27 29.03 5.24
C ASP A 6 4.74 29.24 5.30
N ASP A 7 3.98 28.57 4.42
CA ASP A 7 2.53 28.65 4.39
C ASP A 7 1.83 27.49 5.16
N PHE A 8 2.63 26.54 5.71
CA PHE A 8 2.18 25.37 6.49
C PHE A 8 2.40 25.55 7.99
N GLU A 9 1.69 24.74 8.78
CA GLU A 9 1.73 24.74 10.23
C GLU A 9 1.51 23.29 10.71
N LYS A 10 2.50 22.69 11.43
CA LYS A 10 2.39 21.31 11.93
C LYS A 10 1.20 21.21 12.89
N ILE A 11 0.40 20.12 12.78
CA ILE A 11 -0.76 19.83 13.64
C ILE A 11 -0.36 18.68 14.58
N SER A 12 0.19 17.60 13.98
CA SER A 12 0.67 16.36 14.63
C SER A 12 1.55 15.56 13.65
N GLU A 13 2.36 14.62 14.16
CA GLU A 13 3.16 13.76 13.27
C GLU A 13 2.36 12.51 13.00
N LEU A 14 2.28 12.11 11.72
CA LEU A 14 1.53 10.93 11.32
C LEU A 14 2.40 9.67 11.29
N GLY A 15 3.70 9.84 11.04
CA GLY A 15 4.67 8.75 11.01
C GLY A 15 5.98 9.02 10.30
N ALA A 16 6.66 7.91 9.88
CA ALA A 16 7.96 7.76 9.18
C ALA A 16 8.07 6.27 8.75
N GLY A 17 9.03 5.92 7.88
CA GLY A 17 9.22 4.51 7.47
C GLY A 17 9.90 4.08 6.17
N ASN A 18 11.01 4.71 5.70
CA ASN A 18 11.67 5.87 6.26
C ASN A 18 12.23 6.77 5.15
N GLY A 19 13.21 7.62 5.51
CA GLY A 19 13.81 8.64 4.66
C GLY A 19 12.86 9.83 4.70
N GLY A 20 11.58 9.51 4.47
CA GLY A 20 10.43 10.41 4.49
C GLY A 20 9.61 10.39 5.77
N VAL A 21 9.41 11.59 6.34
CA VAL A 21 8.62 11.80 7.56
C VAL A 21 7.30 12.50 7.17
N VAL A 22 6.17 12.01 7.68
CA VAL A 22 4.89 12.61 7.31
C VAL A 22 4.15 13.16 8.54
N PHE A 23 3.77 14.43 8.41
CA PHE A 23 3.01 15.20 9.41
C PHE A 23 1.61 15.56 8.86
N LYS A 24 0.68 15.85 9.80
CA LYS A 24 -0.68 16.34 9.58
C LYS A 24 -0.46 17.85 9.71
N VAL A 25 -0.78 18.59 8.64
CA VAL A 25 -0.50 20.03 8.59
C VAL A 25 -1.71 20.85 8.20
N SER A 26 -1.67 22.15 8.55
CA SER A 26 -2.69 23.09 8.11
C SER A 26 -2.01 24.02 7.11
N HIS A 27 -2.57 24.05 5.88
CA HIS A 27 -2.15 24.96 4.84
C HIS A 27 -2.89 26.24 5.17
N LYS A 28 -2.19 27.13 5.87
CA LYS A 28 -2.72 28.40 6.37
C LYS A 28 -3.51 29.20 5.32
N PRO A 29 -3.10 29.33 4.03
CA PRO A 29 -3.89 30.17 3.12
C PRO A 29 -5.22 29.57 2.61
N SER A 30 -5.33 28.24 2.55
CA SER A 30 -6.56 27.56 2.08
C SER A 30 -7.46 27.19 3.26
N GLY A 31 -6.81 26.81 4.36
CA GLY A 31 -7.42 26.35 5.59
C GLY A 31 -7.48 24.84 5.60
N LEU A 32 -7.02 24.17 4.51
CA LEU A 32 -7.07 22.73 4.35
C LEU A 32 -6.12 21.98 5.23
N VAL A 33 -6.57 20.81 5.68
CA VAL A 33 -5.73 19.89 6.41
C VAL A 33 -5.14 18.91 5.37
N MET A 34 -3.82 18.84 5.34
CA MET A 34 -3.14 17.99 4.41
C MET A 34 -2.19 17.14 5.22
N ALA A 35 -1.68 16.09 4.58
CA ALA A 35 -0.64 15.23 5.08
C ALA A 35 0.53 15.58 4.18
N ARG A 36 1.57 16.11 4.81
CA ARG A 36 2.79 16.51 4.13
C ARG A 36 3.87 15.52 4.46
N LYS A 37 4.49 14.91 3.42
CA LYS A 37 5.60 13.97 3.56
C LYS A 37 6.86 14.67 3.07
N LEU A 38 7.85 14.80 3.96
CA LEU A 38 9.15 15.42 3.69
C LEU A 38 10.16 14.32 3.51
N ILE A 39 10.89 14.35 2.39
CA ILE A 39 11.92 13.35 2.11
C ILE A 39 13.30 14.01 2.07
N HIS A 40 14.11 13.72 3.11
CA HIS A 40 15.48 14.20 3.19
C HIS A 40 16.35 13.46 2.20
N LEU A 41 16.98 14.21 1.28
CA LEU A 41 17.84 13.66 0.24
C LEU A 41 19.07 14.54 0.01
N GLU A 42 20.27 13.93 -0.02
CA GLU A 42 21.53 14.62 -0.31
C GLU A 42 21.66 14.46 -1.83
N ILE A 43 21.10 15.43 -2.57
CA ILE A 43 20.97 15.40 -4.02
C ILE A 43 21.33 16.75 -4.66
N LYS A 44 21.96 16.69 -5.86
CA LYS A 44 22.36 17.84 -6.67
C LYS A 44 21.13 18.70 -7.05
N PRO A 45 21.26 20.04 -7.24
CA PRO A 45 20.06 20.84 -7.55
C PRO A 45 19.33 20.49 -8.86
N ALA A 46 20.06 19.96 -9.86
CA ALA A 46 19.48 19.61 -11.16
C ALA A 46 18.56 18.42 -11.10
N ILE A 47 18.93 17.37 -10.34
CA ILE A 47 18.12 16.17 -10.26
C ILE A 47 16.99 16.31 -9.21
N ARG A 48 17.10 17.27 -8.26
CA ARG A 48 15.97 17.49 -7.35
C ARG A 48 14.89 18.27 -8.10
N ASN A 49 15.30 19.01 -9.15
CA ASN A 49 14.38 19.73 -10.04
C ASN A 49 13.62 18.71 -10.87
N GLN A 50 14.32 17.63 -11.32
CA GLN A 50 13.76 16.53 -12.10
C GLN A 50 12.67 15.81 -11.30
N ILE A 51 12.96 15.49 -10.02
CA ILE A 51 12.06 14.87 -9.07
C ILE A 51 10.78 15.70 -8.93
N ILE A 52 10.90 17.03 -8.75
CA ILE A 52 9.74 17.91 -8.61
C ILE A 52 8.93 17.94 -9.91
N ARG A 53 9.63 18.00 -11.06
CA ARG A 53 9.05 18.06 -12.40
C ARG A 53 8.23 16.80 -12.69
N GLU A 54 8.79 15.61 -12.38
CA GLU A 54 8.18 14.30 -12.55
C GLU A 54 6.97 14.14 -11.63
N LEU A 55 7.03 14.73 -10.41
CA LEU A 55 5.97 14.63 -9.40
C LEU A 55 4.74 15.39 -9.79
N GLN A 56 4.87 16.32 -10.76
CA GLN A 56 3.74 17.12 -11.25
C GLN A 56 2.67 16.28 -11.94
N VAL A 57 3.02 15.05 -12.36
CA VAL A 57 2.02 14.18 -12.98
C VAL A 57 0.98 13.71 -11.93
N LEU A 58 1.31 13.86 -10.62
CA LEU A 58 0.39 13.52 -9.54
C LEU A 58 -0.90 14.40 -9.58
N HIS A 59 -0.78 15.62 -10.15
CA HIS A 59 -1.92 16.54 -10.37
C HIS A 59 -2.92 15.93 -11.36
N GLU A 60 -2.46 14.97 -12.18
CA GLU A 60 -3.23 14.27 -13.20
C GLU A 60 -3.63 12.85 -12.74
N CYS A 61 -3.25 12.47 -11.51
CA CYS A 61 -3.60 11.19 -10.88
C CYS A 61 -4.85 11.39 -10.01
N ASN A 62 -6.01 11.45 -10.67
CA ASN A 62 -7.29 11.67 -9.97
C ASN A 62 -8.16 10.46 -10.23
N SER A 63 -8.47 9.76 -9.12
CA SER A 63 -9.22 8.54 -9.10
C SER A 63 -9.74 8.34 -7.69
N PRO A 64 -10.96 7.76 -7.51
CA PRO A 64 -11.43 7.49 -6.14
C PRO A 64 -10.53 6.51 -5.35
N TYR A 65 -9.67 5.77 -6.08
CA TYR A 65 -8.79 4.77 -5.49
C TYR A 65 -7.33 5.22 -5.34
N ILE A 66 -7.06 6.51 -5.63
CA ILE A 66 -5.73 7.11 -5.53
C ILE A 66 -5.80 8.32 -4.62
N VAL A 67 -4.89 8.38 -3.59
CA VAL A 67 -4.79 9.51 -2.64
C VAL A 67 -4.62 10.82 -3.40
N GLY A 68 -5.41 11.84 -3.02
CA GLY A 68 -5.37 13.16 -3.62
C GLY A 68 -4.03 13.83 -3.41
N PHE A 69 -3.55 14.61 -4.41
CA PHE A 69 -2.29 15.37 -4.38
C PHE A 69 -2.56 16.87 -4.45
N TYR A 70 -1.78 17.65 -3.70
CA TYR A 70 -1.93 19.11 -3.67
C TYR A 70 -0.80 19.85 -4.38
N GLY A 71 0.42 19.36 -4.23
CA GLY A 71 1.60 19.97 -4.81
C GLY A 71 2.89 19.39 -4.27
N ALA A 72 3.97 19.61 -5.02
CA ALA A 72 5.31 19.14 -4.68
C ALA A 72 6.32 20.27 -4.75
N PHE A 73 7.20 20.35 -3.74
CA PHE A 73 8.22 21.41 -3.68
C PHE A 73 9.49 20.98 -2.91
N TYR A 74 10.57 21.79 -3.03
CA TYR A 74 11.84 21.59 -2.34
C TYR A 74 12.02 22.71 -1.32
N SER A 75 12.36 22.34 -0.06
CA SER A 75 12.51 23.31 1.01
C SER A 75 13.96 23.46 1.49
N ASP A 76 14.37 22.73 2.55
CA ASP A 76 15.72 22.87 3.08
C ASP A 76 16.30 21.51 3.21
N GLY A 77 16.78 21.00 2.09
CA GLY A 77 17.33 19.66 1.97
C GLY A 77 16.25 18.59 1.92
N GLU A 78 14.97 19.01 1.85
CA GLU A 78 13.81 18.11 1.86
C GLU A 78 12.83 18.37 0.73
N ILE A 79 12.38 17.31 0.06
CA ILE A 79 11.35 17.42 -0.97
C ILE A 79 10.03 17.07 -0.27
N SER A 80 9.02 17.94 -0.44
CA SER A 80 7.70 17.80 0.18
C SER A 80 6.67 17.31 -0.81
N ILE A 81 5.90 16.29 -0.40
CA ILE A 81 4.73 15.82 -1.16
C ILE A 81 3.52 16.09 -0.26
N CYS A 82 2.68 17.04 -0.68
CA CYS A 82 1.50 17.43 0.08
C CYS A 82 0.29 16.75 -0.52
N MET A 83 -0.33 15.92 0.28
CA MET A 83 -1.47 15.14 -0.16
C MET A 83 -2.66 15.20 0.79
N GLU A 84 -3.78 14.62 0.31
CA GLU A 84 -5.03 14.43 1.04
C GLU A 84 -4.73 13.75 2.40
N HIS A 85 -5.33 14.26 3.47
CA HIS A 85 -5.13 13.64 4.78
C HIS A 85 -6.21 12.55 4.93
N MET A 86 -5.77 11.28 5.05
CA MET A 86 -6.67 10.14 5.22
C MET A 86 -6.83 9.90 6.73
N ASP A 87 -7.93 10.43 7.29
CA ASP A 87 -8.26 10.44 8.73
C ASP A 87 -8.43 9.07 9.37
N GLY A 88 -8.41 8.01 8.55
CA GLY A 88 -8.48 6.61 8.97
C GLY A 88 -7.11 5.96 9.04
N GLY A 89 -6.11 6.62 8.47
CA GLY A 89 -4.74 6.14 8.43
C GLY A 89 -4.54 5.00 7.44
N SER A 90 -3.45 4.23 7.67
CA SER A 90 -3.04 3.09 6.85
C SER A 90 -3.69 1.80 7.34
N LEU A 91 -3.81 0.81 6.43
CA LEU A 91 -4.36 -0.51 6.73
C LEU A 91 -3.50 -1.30 7.72
N ASP A 92 -2.20 -0.94 7.81
CA ASP A 92 -1.25 -1.51 8.77
C ASP A 92 -1.70 -1.06 10.20
N GLN A 93 -2.09 0.24 10.32
CA GLN A 93 -2.57 0.86 11.55
C GLN A 93 -3.94 0.31 11.95
N VAL A 94 -4.87 0.15 10.97
CA VAL A 94 -6.21 -0.37 11.29
C VAL A 94 -6.10 -1.87 11.66
N LEU A 95 -5.13 -2.61 11.07
CA LEU A 95 -4.90 -4.02 11.40
C LEU A 95 -4.37 -4.13 12.82
N LYS A 96 -3.58 -3.15 13.30
CA LYS A 96 -3.04 -3.14 14.66
C LYS A 96 -4.18 -3.08 15.66
N LYS A 97 -5.16 -2.21 15.37
CA LYS A 97 -6.34 -2.04 16.22
C LYS A 97 -7.32 -3.21 16.08
N ALA A 98 -7.62 -3.62 14.84
CA ALA A 98 -8.55 -4.71 14.50
C ALA A 98 -8.08 -6.08 14.93
N GLY A 99 -6.77 -6.28 14.83
CA GLY A 99 -6.11 -7.55 15.09
C GLY A 99 -6.15 -8.42 13.84
N ARG A 100 -7.33 -8.44 13.20
CA ARG A 100 -7.69 -9.20 12.01
C ARG A 100 -8.76 -8.42 11.25
N ILE A 101 -8.60 -8.30 9.92
CA ILE A 101 -9.59 -7.62 9.07
C ILE A 101 -10.54 -8.67 8.41
N PRO A 102 -11.88 -8.56 8.59
CA PRO A 102 -12.80 -9.54 7.98
C PRO A 102 -12.73 -9.66 6.46
N GLU A 103 -13.17 -10.82 5.95
CA GLU A 103 -13.18 -11.16 4.52
C GLU A 103 -13.95 -10.16 3.66
N GLN A 104 -15.16 -9.78 4.09
CA GLN A 104 -16.03 -8.83 3.38
C GLN A 104 -15.36 -7.49 3.21
N ILE A 105 -14.72 -7.01 4.28
CA ILE A 105 -13.96 -5.75 4.28
C ILE A 105 -12.78 -5.91 3.32
N LEU A 106 -12.07 -7.06 3.39
CA LEU A 106 -10.91 -7.35 2.52
C LEU A 106 -11.29 -7.43 1.03
N GLY A 107 -12.58 -7.75 0.76
CA GLY A 107 -13.13 -7.75 -0.57
C GLY A 107 -13.24 -6.33 -1.10
N LYS A 108 -13.65 -5.40 -0.22
CA LYS A 108 -13.79 -3.99 -0.56
C LYS A 108 -12.41 -3.40 -0.83
N VAL A 109 -11.40 -3.79 -0.03
CA VAL A 109 -10.01 -3.35 -0.18
C VAL A 109 -9.45 -3.88 -1.51
N SER A 110 -9.60 -5.22 -1.75
CA SER A 110 -9.12 -5.87 -2.98
C SER A 110 -9.62 -5.13 -4.21
N ILE A 111 -10.96 -4.78 -4.24
CA ILE A 111 -11.60 -4.00 -5.30
C ILE A 111 -10.85 -2.67 -5.49
N ALA A 112 -10.60 -1.92 -4.40
CA ALA A 112 -9.85 -0.66 -4.45
C ALA A 112 -8.41 -0.80 -4.96
N VAL A 113 -7.69 -1.88 -4.57
CA VAL A 113 -6.29 -2.06 -4.96
C VAL A 113 -6.24 -2.37 -6.48
N ILE A 114 -7.08 -3.27 -6.97
CA ILE A 114 -7.13 -3.60 -8.40
C ILE A 114 -7.51 -2.35 -9.22
N LYS A 115 -8.58 -1.64 -8.82
CA LYS A 115 -9.02 -0.44 -9.52
C LYS A 115 -7.96 0.69 -9.45
N GLY A 116 -7.23 0.75 -8.35
CA GLY A 116 -6.18 1.75 -8.15
C GLY A 116 -5.00 1.46 -9.05
N LEU A 117 -4.66 0.18 -9.17
CA LEU A 117 -3.54 -0.25 -9.97
C LEU A 117 -3.85 -0.15 -11.46
N THR A 118 -5.11 -0.49 -11.83
CA THR A 118 -5.64 -0.44 -13.19
C THR A 118 -5.58 0.99 -13.66
N TYR A 119 -5.94 1.94 -12.77
CA TYR A 119 -5.92 3.36 -13.09
C TYR A 119 -4.49 3.78 -13.43
N LEU A 120 -3.54 3.57 -12.49
CA LEU A 120 -2.17 3.95 -12.68
C LEU A 120 -1.58 3.36 -13.96
N ARG A 121 -1.94 2.10 -14.28
CA ARG A 121 -1.44 1.40 -15.46
C ARG A 121 -2.08 1.92 -16.76
N GLU A 122 -3.41 1.89 -16.83
CA GLU A 122 -4.15 2.29 -18.02
C GLU A 122 -3.96 3.75 -18.33
N LYS A 123 -4.17 4.61 -17.33
CA LYS A 123 -4.11 6.04 -17.51
C LYS A 123 -2.71 6.63 -17.47
N HIS A 124 -1.78 6.08 -16.67
CA HIS A 124 -0.47 6.72 -16.54
C HIS A 124 0.74 5.85 -16.88
N LYS A 125 0.51 4.60 -17.31
CA LYS A 125 1.59 3.67 -17.66
C LYS A 125 2.63 3.52 -16.54
N ILE A 126 2.16 3.54 -15.26
CA ILE A 126 3.02 3.40 -14.09
C ILE A 126 2.56 2.25 -13.16
N MET A 127 3.57 1.55 -12.57
CA MET A 127 3.40 0.47 -11.61
C MET A 127 3.59 1.03 -10.20
N HIS A 128 2.91 0.43 -9.23
CA HIS A 128 3.02 0.91 -7.86
C HIS A 128 4.46 0.84 -7.32
N ARG A 129 5.06 -0.36 -7.33
CA ARG A 129 6.43 -0.69 -6.87
C ARG A 129 6.52 -1.00 -5.38
N ASP A 130 5.48 -0.71 -4.58
CA ASP A 130 5.44 -1.00 -3.14
C ASP A 130 4.01 -1.04 -2.55
N VAL A 131 3.25 -2.07 -2.94
CA VAL A 131 1.89 -2.31 -2.45
C VAL A 131 2.06 -3.09 -1.13
N LYS A 132 1.69 -2.47 0.02
CA LYS A 132 1.76 -3.07 1.37
C LYS A 132 0.72 -2.34 2.25
N PRO A 133 0.23 -2.89 3.39
CA PRO A 133 -0.83 -2.20 4.17
C PRO A 133 -0.61 -0.71 4.53
N SER A 134 0.64 -0.28 4.77
CA SER A 134 0.94 1.11 5.13
C SER A 134 0.82 2.12 3.95
N ASN A 135 0.77 1.62 2.70
CA ASN A 135 0.66 2.45 1.50
C ASN A 135 -0.74 2.33 0.91
N ILE A 136 -1.68 1.78 1.71
CA ILE A 136 -3.11 1.64 1.40
C ILE A 136 -3.83 2.39 2.52
N LEU A 137 -4.42 3.52 2.17
CA LEU A 137 -5.02 4.44 3.11
C LEU A 137 -6.54 4.46 3.09
N VAL A 138 -7.15 4.67 4.26
CA VAL A 138 -8.60 4.68 4.42
C VAL A 138 -9.11 5.95 5.11
N ASN A 139 -10.42 6.24 5.00
CA ASN A 139 -11.00 7.41 5.64
C ASN A 139 -12.43 7.17 6.09
N SER A 140 -12.94 8.07 6.94
CA SER A 140 -14.30 8.07 7.49
C SER A 140 -15.42 8.11 6.44
N ARG A 141 -15.13 8.56 5.18
CA ARG A 141 -16.13 8.54 4.09
C ARG A 141 -16.19 7.12 3.45
N GLY A 142 -15.44 6.18 4.04
CA GLY A 142 -15.37 4.79 3.60
C GLY A 142 -14.49 4.56 2.39
N GLU A 143 -13.63 5.57 2.08
CA GLU A 143 -12.72 5.53 0.94
C GLU A 143 -11.44 4.72 1.22
N ILE A 144 -11.00 3.93 0.22
CA ILE A 144 -9.81 3.08 0.26
C ILE A 144 -8.95 3.51 -0.93
N LYS A 145 -7.82 4.19 -0.63
CA LYS A 145 -6.95 4.81 -1.62
C LYS A 145 -5.50 4.38 -1.50
N LEU A 146 -4.80 4.32 -2.65
CA LEU A 146 -3.37 3.99 -2.77
C LEU A 146 -2.50 5.25 -2.76
N CYS A 147 -1.29 5.13 -2.24
CA CYS A 147 -0.32 6.21 -2.24
C CYS A 147 1.07 5.61 -2.28
N ASP A 148 2.11 6.46 -2.27
CA ASP A 148 3.50 6.01 -2.29
C ASP A 148 3.83 5.11 -3.50
N PHE A 149 3.13 5.35 -4.64
CA PHE A 149 3.41 4.66 -5.90
C PHE A 149 4.53 5.41 -6.64
N GLY A 150 5.24 4.70 -7.50
CA GLY A 150 6.40 5.24 -8.20
C GLY A 150 6.12 6.08 -9.40
N VAL A 151 5.66 7.31 -9.16
CA VAL A 151 5.33 8.28 -10.18
C VAL A 151 6.60 8.94 -10.80
N SER A 152 7.67 9.07 -9.99
CA SER A 152 8.92 9.69 -10.43
C SER A 152 9.99 8.64 -10.34
N GLY A 153 10.57 8.31 -11.50
CA GLY A 153 11.65 7.34 -11.60
C GLY A 153 12.87 7.80 -10.82
N GLN A 154 13.23 9.09 -10.98
CA GLN A 154 14.36 9.69 -10.29
C GLN A 154 14.19 9.63 -8.78
N LEU A 155 12.93 9.81 -8.29
CA LEU A 155 12.68 9.72 -6.85
C LEU A 155 12.81 8.28 -6.41
N ILE A 156 12.26 7.35 -7.24
CA ILE A 156 12.34 5.90 -7.02
C ILE A 156 13.79 5.54 -6.73
N ASP A 157 14.70 5.92 -7.64
CA ASP A 157 16.13 5.65 -7.55
C ASP A 157 16.74 6.17 -6.24
N SER A 158 16.64 7.51 -6.02
CA SER A 158 17.18 8.27 -4.90
C SER A 158 16.80 7.77 -3.49
N MET A 159 15.68 7.05 -3.36
CA MET A 159 15.23 6.49 -2.09
C MET A 159 15.50 4.99 -2.11
N ALA A 160 16.54 4.53 -1.39
CA ALA A 160 16.86 3.09 -1.42
C ALA A 160 17.27 2.49 -0.05
N ASN A 161 16.63 1.37 0.44
CA ASN A 161 15.47 0.62 -0.11
C ASN A 161 15.04 -0.47 0.89
N SER A 162 15.92 -1.48 1.11
CA SER A 162 15.75 -2.72 1.89
C SER A 162 15.37 -2.58 3.38
N PHE A 163 14.89 -1.41 3.85
CA PHE A 163 14.47 -1.20 5.25
C PHE A 163 13.29 -2.13 5.66
N VAL A 164 13.59 -3.42 5.93
CA VAL A 164 12.62 -4.45 6.29
C VAL A 164 12.81 -4.73 7.86
N GLY A 165 13.39 -5.84 8.40
CA GLY A 165 13.89 -7.07 7.82
C GLY A 165 13.08 -8.31 8.13
N THR A 166 12.04 -8.17 8.99
CA THR A 166 11.13 -9.25 9.39
C THR A 166 9.86 -9.30 8.52
N ARG A 167 9.73 -8.33 7.57
CA ARG A 167 8.60 -8.24 6.63
C ARG A 167 9.05 -7.72 5.25
N SER A 168 9.02 -8.58 4.21
CA SER A 168 9.27 -8.14 2.84
C SER A 168 8.04 -8.45 2.00
N TYR A 169 7.53 -7.44 1.26
CA TYR A 169 6.38 -7.64 0.37
C TYR A 169 6.86 -7.79 -1.08
N MET A 170 8.18 -7.94 -1.27
CA MET A 170 8.79 -8.11 -2.57
C MET A 170 8.55 -9.51 -3.13
N SER A 171 8.19 -9.55 -4.43
CA SER A 171 7.89 -10.77 -5.15
C SER A 171 9.18 -11.59 -5.30
N PRO A 172 9.08 -12.93 -5.50
CA PRO A 172 10.30 -13.74 -5.63
C PRO A 172 11.23 -13.28 -6.75
N GLU A 173 10.64 -12.82 -7.88
CA GLU A 173 11.36 -12.39 -9.07
C GLU A 173 12.10 -11.05 -8.82
N ARG A 174 11.42 -10.10 -8.09
CA ARG A 174 12.01 -8.81 -7.76
C ARG A 174 13.14 -9.03 -6.77
N LEU A 175 12.94 -9.97 -5.80
CA LEU A 175 13.94 -10.32 -4.79
C LEU A 175 15.15 -10.91 -5.47
N GLN A 176 14.95 -11.67 -6.58
CA GLN A 176 16.02 -12.37 -7.33
C GLN A 176 16.75 -11.57 -8.41
N GLY A 177 16.23 -10.42 -8.79
CA GLY A 177 16.91 -9.66 -9.82
C GLY A 177 16.20 -8.44 -10.36
N THR A 178 16.47 -8.18 -11.64
CA THR A 178 15.94 -7.04 -12.41
C THR A 178 14.71 -7.47 -13.22
N HIS A 179 14.54 -8.81 -13.37
CA HIS A 179 13.45 -9.43 -14.13
C HIS A 179 12.09 -9.35 -13.39
N TYR A 180 11.56 -8.10 -13.26
CA TYR A 180 10.26 -7.75 -12.65
C TYR A 180 9.56 -6.63 -13.43
N SER A 181 8.23 -6.52 -13.23
CA SER A 181 7.37 -5.51 -13.81
C SER A 181 6.06 -5.49 -13.01
N VAL A 182 4.94 -5.11 -13.64
CA VAL A 182 3.61 -4.93 -13.05
C VAL A 182 3.11 -6.15 -12.28
N GLN A 183 3.55 -7.36 -12.69
CA GLN A 183 3.13 -8.57 -12.00
C GLN A 183 3.58 -8.61 -10.54
N SER A 184 4.69 -7.92 -10.21
CA SER A 184 5.22 -7.80 -8.85
C SER A 184 4.17 -7.23 -7.89
N ASP A 185 3.38 -6.24 -8.36
CA ASP A 185 2.35 -5.60 -7.55
C ASP A 185 1.25 -6.58 -7.14
N ILE A 186 0.97 -7.59 -8.01
CA ILE A 186 -0.04 -8.62 -7.79
C ILE A 186 0.37 -9.43 -6.60
N TRP A 187 1.64 -9.85 -6.56
CA TRP A 187 2.19 -10.62 -5.46
C TRP A 187 2.04 -9.86 -4.17
N SER A 188 2.49 -8.58 -4.17
CA SER A 188 2.49 -7.69 -2.98
C SER A 188 1.10 -7.54 -2.35
N MET A 189 0.05 -7.43 -3.20
CA MET A 189 -1.34 -7.33 -2.81
C MET A 189 -1.75 -8.66 -2.19
N GLY A 190 -1.43 -9.75 -2.89
CA GLY A 190 -1.71 -11.10 -2.44
C GLY A 190 -1.17 -11.34 -1.05
N LEU A 191 0.14 -11.02 -0.82
CA LEU A 191 0.80 -11.15 0.48
C LEU A 191 0.12 -10.27 1.53
N SER A 192 -0.13 -8.97 1.18
CA SER A 192 -0.79 -8.00 2.07
C SER A 192 -2.17 -8.48 2.55
N LEU A 193 -2.99 -9.06 1.64
CA LEU A 193 -4.32 -9.58 1.98
C LEU A 193 -4.26 -10.78 2.93
N VAL A 194 -3.24 -11.64 2.77
CA VAL A 194 -3.08 -12.80 3.66
C VAL A 194 -2.72 -12.28 5.05
N GLU A 195 -1.85 -11.28 5.13
CA GLU A 195 -1.44 -10.66 6.41
C GLU A 195 -2.64 -10.08 7.18
N MET A 196 -3.47 -9.28 6.50
CA MET A 196 -4.64 -8.61 7.08
C MET A 196 -5.73 -9.58 7.46
N ALA A 197 -5.86 -10.67 6.68
CA ALA A 197 -6.84 -11.73 6.90
C ALA A 197 -6.49 -12.57 8.09
N VAL A 198 -5.20 -12.84 8.31
CA VAL A 198 -4.73 -13.74 9.37
C VAL A 198 -4.34 -12.97 10.64
N GLY A 199 -3.94 -11.72 10.47
CA GLY A 199 -3.57 -10.87 11.59
C GLY A 199 -2.10 -10.80 11.93
N ARG A 200 -1.23 -11.24 11.01
CA ARG A 200 0.24 -11.20 11.13
C ARG A 200 0.91 -11.46 9.78
N TYR A 201 2.17 -10.99 9.62
CA TYR A 201 2.93 -11.21 8.39
C TYR A 201 3.02 -12.73 8.18
N PRO A 202 2.53 -13.24 7.02
CA PRO A 202 2.37 -14.70 6.85
C PRO A 202 3.62 -15.56 6.61
N ILE A 203 4.83 -15.04 6.86
CA ILE A 203 6.06 -15.82 6.67
C ILE A 203 6.89 -15.77 7.97
N PRO A 204 7.25 -16.94 8.57
CA PRO A 204 6.94 -18.32 8.13
C PRO A 204 5.44 -18.61 8.34
N PRO A 205 4.84 -19.59 7.65
CA PRO A 205 3.41 -19.83 7.85
C PRO A 205 3.09 -20.37 9.26
N PRO A 206 1.88 -20.13 9.80
CA PRO A 206 1.56 -20.64 11.14
C PRO A 206 1.29 -22.15 11.17
N ASP A 207 1.75 -22.83 12.25
CA ASP A 207 1.55 -24.27 12.47
C ASP A 207 0.09 -24.62 12.89
N ALA A 208 -0.18 -25.93 13.11
CA ALA A 208 -1.50 -26.45 13.51
C ALA A 208 -2.03 -25.76 14.77
N LYS A 209 -1.19 -25.69 15.83
CA LYS A 209 -1.52 -25.09 17.13
C LYS A 209 -1.67 -23.56 17.08
N GLU A 210 -0.93 -22.90 16.18
CA GLU A 210 -0.96 -21.44 15.97
C GLU A 210 -2.31 -21.01 15.39
N LEU A 211 -2.78 -21.76 14.37
CA LEU A 211 -4.07 -21.53 13.69
C LEU A 211 -5.25 -21.83 14.62
N GLU A 212 -5.07 -22.84 15.49
CA GLU A 212 -6.06 -23.27 16.50
C GLU A 212 -6.34 -22.12 17.49
N LEU A 213 -5.26 -21.43 17.97
CA LEU A 213 -5.33 -20.30 18.90
C LEU A 213 -5.93 -19.05 18.28
N MET A 214 -5.61 -18.79 17.01
CA MET A 214 -6.15 -17.63 16.28
C MET A 214 -7.64 -17.84 15.99
N PHE A 215 -7.98 -18.91 15.25
CA PHE A 215 -9.36 -19.23 14.88
C PHE A 215 -9.80 -20.54 15.57
N PRO A 246 11.22 -17.13 18.28
CA PRO A 246 11.85 -15.83 17.98
C PRO A 246 11.67 -15.40 16.52
N PRO A 247 11.85 -14.09 16.16
CA PRO A 247 11.65 -13.68 14.75
C PRO A 247 12.68 -14.27 13.75
N MET A 248 12.44 -14.05 12.44
CA MET A 248 13.28 -14.57 11.35
C MET A 248 14.44 -13.67 10.95
N ALA A 249 15.57 -14.29 10.50
CA ALA A 249 16.77 -13.61 10.00
C ALA A 249 16.49 -13.19 8.56
N ILE A 250 17.16 -12.13 8.05
CA ILE A 250 16.88 -11.61 6.70
C ILE A 250 17.00 -12.68 5.60
N PHE A 251 18.11 -13.45 5.60
CA PHE A 251 18.33 -14.49 4.61
C PHE A 251 17.29 -15.63 4.73
N GLU A 252 16.94 -16.02 5.95
CA GLU A 252 15.96 -17.05 6.25
C GLU A 252 14.61 -16.72 5.61
N LEU A 253 14.16 -15.46 5.79
CA LEU A 253 12.88 -14.97 5.28
C LEU A 253 12.88 -14.91 3.77
N LEU A 254 13.92 -14.30 3.17
CA LEU A 254 14.07 -14.12 1.73
C LEU A 254 14.23 -15.46 1.03
N ASP A 255 14.96 -16.39 1.68
CA ASP A 255 15.14 -17.74 1.15
C ASP A 255 13.78 -18.44 1.16
N TYR A 256 12.96 -18.18 2.22
CA TYR A 256 11.63 -18.77 2.31
C TYR A 256 10.81 -18.32 1.10
N ILE A 257 10.72 -17.01 0.87
CA ILE A 257 9.96 -16.42 -0.24
C ILE A 257 10.29 -17.03 -1.60
N VAL A 258 11.60 -17.07 -1.94
CA VAL A 258 12.11 -17.47 -3.25
C VAL A 258 12.12 -18.98 -3.50
N ASN A 259 12.31 -19.81 -2.46
CA ASN A 259 12.48 -21.26 -2.62
C ASN A 259 11.40 -22.12 -2.02
N GLU A 260 10.70 -21.60 -1.00
CA GLU A 260 9.67 -22.39 -0.33
C GLU A 260 8.30 -22.18 -0.95
N PRO A 261 7.31 -23.09 -0.77
CA PRO A 261 6.02 -22.86 -1.41
C PRO A 261 5.36 -21.59 -0.88
N PRO A 262 4.65 -20.84 -1.76
CA PRO A 262 4.01 -19.59 -1.34
C PRO A 262 2.97 -19.71 -0.22
N PRO A 263 2.68 -18.58 0.49
CA PRO A 263 1.66 -18.65 1.55
C PRO A 263 0.24 -18.84 1.03
N LYS A 264 -0.59 -19.44 1.88
CA LYS A 264 -1.97 -19.81 1.61
C LYS A 264 -2.87 -19.27 2.70
N LEU A 265 -4.14 -19.11 2.36
CA LEU A 265 -5.15 -18.74 3.34
C LEU A 265 -5.63 -20.06 4.00
N PRO A 266 -5.78 -20.11 5.36
CA PRO A 266 -6.26 -21.35 5.99
C PRO A 266 -7.67 -21.72 5.55
N SER A 267 -7.92 -23.02 5.30
CA SER A 267 -9.23 -23.48 4.84
C SER A 267 -10.28 -23.45 5.96
N GLY A 268 -11.56 -23.46 5.54
CA GLY A 268 -12.72 -23.43 6.43
C GLY A 268 -13.11 -22.02 6.84
N VAL A 269 -12.21 -21.35 7.58
CA VAL A 269 -12.31 -19.97 8.09
C VAL A 269 -12.51 -18.94 6.94
N PHE A 270 -11.98 -19.22 5.74
CA PHE A 270 -12.16 -18.33 4.58
C PHE A 270 -12.84 -19.04 3.44
N SER A 271 -13.61 -18.29 2.62
CA SER A 271 -14.33 -18.85 1.47
C SER A 271 -13.35 -19.34 0.42
N LEU A 272 -13.74 -20.41 -0.31
CA LEU A 272 -12.92 -21.00 -1.36
C LEU A 272 -12.55 -19.96 -2.44
N GLU A 273 -13.48 -18.97 -2.68
CA GLU A 273 -13.34 -17.86 -3.63
C GLU A 273 -12.19 -16.95 -3.25
N PHE A 274 -12.09 -16.57 -1.96
CA PHE A 274 -10.98 -15.74 -1.45
C PHE A 274 -9.71 -16.57 -1.55
N GLN A 275 -9.75 -17.84 -1.09
CA GLN A 275 -8.63 -18.78 -1.14
C GLN A 275 -8.05 -18.88 -2.55
N ASP A 276 -8.88 -19.10 -3.56
CA ASP A 276 -8.42 -19.17 -4.94
C ASP A 276 -7.84 -17.83 -5.40
N PHE A 277 -8.52 -16.72 -5.06
CA PHE A 277 -8.09 -15.37 -5.39
C PHE A 277 -6.64 -15.11 -4.92
N VAL A 278 -6.35 -15.27 -3.59
CA VAL A 278 -4.98 -15.08 -3.05
C VAL A 278 -3.99 -16.05 -3.69
N ASN A 279 -4.45 -17.28 -4.01
CA ASN A 279 -3.58 -18.28 -4.64
C ASN A 279 -3.10 -17.81 -5.99
N LYS A 280 -4.02 -17.22 -6.78
CA LYS A 280 -3.78 -16.66 -8.11
C LYS A 280 -2.78 -15.52 -8.05
N CYS A 281 -2.77 -14.78 -6.94
CA CYS A 281 -1.91 -13.63 -6.68
C CYS A 281 -0.52 -14.06 -6.29
N LEU A 282 -0.42 -15.18 -5.54
CA LEU A 282 0.82 -15.62 -4.95
C LEU A 282 1.53 -16.75 -5.70
N ILE A 283 1.21 -16.96 -7.01
CA ILE A 283 1.93 -17.92 -7.85
C ILE A 283 3.36 -17.36 -8.05
N LYS A 284 4.39 -18.17 -7.76
CA LYS A 284 5.77 -17.69 -7.87
C LYS A 284 6.16 -17.28 -9.29
N ASN A 285 5.60 -17.97 -10.33
CA ASN A 285 5.88 -17.62 -11.71
C ASN A 285 5.04 -16.38 -12.07
N PRO A 286 5.68 -15.25 -12.39
CA PRO A 286 4.90 -14.02 -12.69
C PRO A 286 4.06 -14.08 -13.95
N ALA A 287 4.43 -14.98 -14.91
CA ALA A 287 3.66 -15.17 -16.13
C ALA A 287 2.47 -16.09 -15.86
N GLU A 288 2.61 -16.98 -14.86
CA GLU A 288 1.54 -17.92 -14.49
C GLU A 288 0.54 -17.15 -13.60
N ARG A 289 1.07 -16.27 -12.72
CA ARG A 289 0.33 -15.39 -11.82
C ARG A 289 -0.81 -14.67 -12.52
N ALA A 290 -1.91 -14.39 -11.81
CA ALA A 290 -3.02 -13.67 -12.42
C ALA A 290 -2.63 -12.19 -12.62
N ASP A 291 -3.21 -11.55 -13.64
CA ASP A 291 -2.95 -10.15 -13.90
C ASP A 291 -4.18 -9.36 -13.52
N LEU A 292 -4.06 -8.03 -13.38
CA LEU A 292 -5.19 -7.13 -13.03
C LEU A 292 -6.50 -7.47 -13.78
N LYS A 293 -6.39 -7.71 -15.10
CA LYS A 293 -7.48 -8.08 -16.01
C LYS A 293 -8.24 -9.31 -15.51
N GLN A 294 -7.48 -10.36 -15.14
CA GLN A 294 -8.09 -11.62 -14.69
C GLN A 294 -8.75 -11.47 -13.33
N LEU A 295 -8.03 -10.91 -12.36
CA LEU A 295 -8.53 -10.68 -11.01
C LEU A 295 -9.83 -9.85 -11.00
N MET A 296 -9.90 -8.79 -11.85
CA MET A 296 -11.02 -7.87 -11.99
C MET A 296 -12.35 -8.60 -12.26
N VAL A 297 -12.27 -9.81 -12.84
CA VAL A 297 -13.39 -10.67 -13.20
C VAL A 297 -13.36 -11.98 -12.38
N HIS A 298 -12.57 -12.02 -11.29
CA HIS A 298 -12.49 -13.20 -10.41
C HIS A 298 -13.80 -13.32 -9.61
N ALA A 299 -14.20 -14.56 -9.31
CA ALA A 299 -15.40 -14.87 -8.54
C ALA A 299 -15.47 -14.05 -7.24
N PHE A 300 -14.36 -14.00 -6.47
CA PHE A 300 -14.26 -13.26 -5.21
C PHE A 300 -14.65 -11.78 -5.36
N ILE A 301 -14.09 -11.10 -6.39
CA ILE A 301 -14.34 -9.69 -6.72
C ILE A 301 -15.79 -9.48 -7.12
N LYS A 302 -16.30 -10.33 -8.04
CA LYS A 302 -17.66 -10.31 -8.53
C LYS A 302 -18.57 -10.37 -7.31
N ARG A 303 -18.34 -11.37 -6.40
CA ARG A 303 -19.10 -11.53 -5.15
C ARG A 303 -18.99 -10.27 -4.24
N SER A 304 -17.78 -9.76 -3.98
CA SER A 304 -17.60 -8.56 -3.12
C SER A 304 -18.30 -7.29 -3.67
N ASP A 305 -18.34 -7.15 -5.01
CA ASP A 305 -18.96 -6.03 -5.70
C ASP A 305 -20.47 -6.01 -5.43
N ALA A 306 -21.07 -7.21 -5.31
CA ALA A 306 -22.50 -7.41 -5.04
C ALA A 306 -22.80 -7.08 -3.58
N GLU A 307 -21.91 -7.49 -2.66
CA GLU A 307 -21.98 -7.28 -1.20
C GLU A 307 -22.29 -5.84 -0.78
N GLU A 308 -23.18 -5.70 0.21
CA GLU A 308 -23.63 -4.45 0.82
C GLU A 308 -22.85 -4.34 2.13
N VAL A 309 -21.71 -3.64 2.08
CA VAL A 309 -20.77 -3.50 3.20
C VAL A 309 -20.57 -2.04 3.61
N ASP A 310 -20.89 -1.73 4.89
CA ASP A 310 -20.70 -0.39 5.45
C ASP A 310 -19.29 -0.34 6.04
N PHE A 311 -18.30 -0.17 5.14
CA PHE A 311 -16.90 -0.13 5.51
C PHE A 311 -16.61 1.04 6.41
N ALA A 312 -17.20 2.21 6.09
CA ALA A 312 -17.05 3.44 6.86
C ALA A 312 -17.42 3.20 8.33
N GLY A 313 -18.61 2.67 8.57
CA GLY A 313 -19.11 2.34 9.91
C GLY A 313 -18.25 1.33 10.64
N TRP A 314 -17.77 0.30 9.91
CA TRP A 314 -16.89 -0.74 10.45
C TRP A 314 -15.56 -0.11 10.90
N LEU A 315 -14.97 0.74 10.04
CA LEU A 315 -13.69 1.40 10.27
C LEU A 315 -13.73 2.30 11.52
N CYS A 316 -14.67 3.24 11.54
CA CYS A 316 -14.82 4.17 12.66
C CYS A 316 -15.05 3.45 13.99
N SER A 317 -15.94 2.42 14.02
CA SER A 317 -16.20 1.64 15.24
C SER A 317 -14.97 0.83 15.73
N THR A 318 -14.12 0.33 14.81
CA THR A 318 -12.94 -0.45 15.18
C THR A 318 -11.72 0.41 15.59
N ILE A 319 -11.50 1.58 14.93
CA ILE A 319 -10.34 2.44 15.21
C ILE A 319 -10.66 3.66 16.10
N GLY A 320 -11.94 3.93 16.32
CA GLY A 320 -12.40 5.02 17.17
C GLY A 320 -12.39 6.37 16.49
N LEU A 321 -13.45 6.66 15.72
CA LEU A 321 -13.61 7.93 15.00
C LEU A 321 -15.04 8.44 15.23
N ASN A 322 -15.93 8.31 14.21
CA ASN A 322 -17.34 8.72 14.24
C ASN A 322 -18.14 8.00 15.33
PG ANP B . 7.21 3.46 3.16
O1G ANP B . 8.34 4.42 3.09
O2G ANP B . 7.72 2.22 2.28
O3G ANP B . 5.87 4.08 2.52
PB ANP B . 5.58 3.56 5.51
O1B ANP B . 4.29 3.60 4.55
O2B ANP B . 5.27 2.86 6.80
N3B ANP B . 6.89 2.86 4.71
PA ANP B . 5.54 6.50 5.27
O1A ANP B . 6.86 7.39 5.05
O2A ANP B . 4.96 6.33 3.94
O3A ANP B . 5.98 5.07 5.85
O5' ANP B . 4.47 7.12 6.30
C5' ANP B . 4.30 6.62 7.63
C4' ANP B . 2.83 6.66 8.06
O4' ANP B . 2.30 7.93 7.67
C3' ANP B . 1.99 5.57 7.34
O3' ANP B . 1.84 4.40 8.14
C2' ANP B . 0.62 6.26 7.23
O2' ANP B . -0.23 5.79 8.29
C1' ANP B . 0.89 7.76 7.45
N9 ANP B . 0.46 8.49 6.26
C8 ANP B . 1.16 8.66 5.11
N7 ANP B . 0.43 9.34 4.27
C5 ANP B . -0.77 9.66 4.84
C6 ANP B . -1.94 10.37 4.43
N6 ANP B . -2.00 10.92 3.16
N1 ANP B . -2.99 10.47 5.29
C2 ANP B . -2.95 9.95 6.51
N3 ANP B . -1.87 9.28 6.94
C4 ANP B . -0.78 9.10 6.14
H4' ANP B . 2.75 6.54 9.14
H3' ANP B . 2.37 5.34 6.35
H2' ANP B . 0.19 6.06 6.26
H1' ANP B . 0.34 8.13 8.32
MG MG C . 3.92 4.86 2.87
O20 EUI D . 6.82 8.03 -0.77
C18 EUI D . 7.33 7.36 -1.64
C15 EUI D . 7.35 7.78 -3.09
C14 EUI D . 8.33 7.22 -3.92
C13 EUI D . 8.41 7.52 -5.28
C12 EUI D . 7.52 8.43 -5.80
F17 EUI D . 7.63 8.78 -7.11
C11 EUI D . 6.57 9.03 -4.99
F16 EUI D . 5.75 9.91 -5.57
C10 EUI D . 6.43 8.69 -3.64
N9 EUI D . 5.49 9.26 -2.83
C5 EUI D . 4.15 9.49 -3.08
C4 EUI D . 3.49 9.08 -4.25
C3 EUI D . 2.18 9.40 -4.49
C2 EUI D . 1.44 10.11 -3.54
I8 EUI D . -0.60 10.52 -3.88
C6 EUI D . 3.42 10.22 -2.12
F7 EUI D . 4.00 10.61 -0.97
C1 EUI D . 2.07 10.51 -2.35
N19 EUI D . 7.94 6.14 -1.26
C23 EUI D . 7.65 4.80 -1.82
C22 EUI D . 7.87 4.16 -0.47
C21 EUI D . 7.88 5.55 0.11
O24 EUI D . 6.69 3.44 -0.08
C25 EUI D . 9.18 3.36 -0.29
C30 EUI D . 10.47 4.06 -0.81
C29 EUI D . 11.70 3.19 -0.59
C28 EUI D . 11.54 1.74 -1.06
C27 EUI D . 10.22 1.10 -0.62
N26 EUI D . 9.10 2.01 -0.84
#